data_2D94
# 
_entry.id   2D94 
# 
_audit_conform.dict_name       mmcif_pdbx.dic 
_audit_conform.dict_version    5.387 
_audit_conform.dict_location   http://mmcif.pdb.org/dictionaries/ascii/mmcif_pdbx.dic 
# 
loop_
_database_2.database_id 
_database_2.database_code 
_database_2.pdbx_database_accession 
_database_2.pdbx_DOI 
PDB   2D94         pdb_00002d94 10.2210/pdb2d94/pdb 
RCSB  ADH026       ?            ?                   
WWPDB D_1000177979 ?            ?                   
# 
loop_
_pdbx_audit_revision_history.ordinal 
_pdbx_audit_revision_history.data_content_type 
_pdbx_audit_revision_history.major_revision 
_pdbx_audit_revision_history.minor_revision 
_pdbx_audit_revision_history.revision_date 
1 'Structure model' 1 0 1994-01-15 
2 'Structure model' 1 1 2008-05-22 
3 'Structure model' 1 2 2011-07-13 
4 'Structure model' 1 3 2018-04-18 
5 'Structure model' 1 4 2024-02-14 
# 
_pdbx_audit_revision_details.ordinal             1 
_pdbx_audit_revision_details.revision_ordinal    1 
_pdbx_audit_revision_details.data_content_type   'Structure model' 
_pdbx_audit_revision_details.provider            repository 
_pdbx_audit_revision_details.type                'Initial release' 
_pdbx_audit_revision_details.description         ? 
_pdbx_audit_revision_details.details             ? 
# 
loop_
_pdbx_audit_revision_group.ordinal 
_pdbx_audit_revision_group.revision_ordinal 
_pdbx_audit_revision_group.data_content_type 
_pdbx_audit_revision_group.group 
1 2 'Structure model' 'Version format compliance' 
2 3 'Structure model' 'Version format compliance' 
3 4 'Structure model' 'Data collection'           
4 5 'Structure model' 'Data collection'           
5 5 'Structure model' 'Database references'       
# 
loop_
_pdbx_audit_revision_category.ordinal 
_pdbx_audit_revision_category.revision_ordinal 
_pdbx_audit_revision_category.data_content_type 
_pdbx_audit_revision_category.category 
1 4 'Structure model' diffrn_detector 
2 5 'Structure model' chem_comp_atom  
3 5 'Structure model' chem_comp_bond  
4 5 'Structure model' database_2      
# 
loop_
_pdbx_audit_revision_item.ordinal 
_pdbx_audit_revision_item.revision_ordinal 
_pdbx_audit_revision_item.data_content_type 
_pdbx_audit_revision_item.item 
1 4 'Structure model' '_diffrn_detector.detector'           
2 5 'Structure model' '_database_2.pdbx_DOI'                
3 5 'Structure model' '_database_2.pdbx_database_accession' 
# 
_pdbx_database_status.status_code                     REL 
_pdbx_database_status.entry_id                        2D94 
_pdbx_database_status.recvd_initial_deposition_date   1993-07-13 
_pdbx_database_status.deposit_site                    BNL 
_pdbx_database_status.process_site                    NDB 
_pdbx_database_status.SG_entry                        . 
_pdbx_database_status.pdb_format_compatible           Y 
_pdbx_database_status.status_code_mr                  ? 
_pdbx_database_status.status_code_sf                  ? 
_pdbx_database_status.status_code_cs                  ? 
_pdbx_database_status.methods_development_category    ? 
_pdbx_database_status.status_code_nmr_data            ? 
# 
loop_
_audit_author.name 
_audit_author.pdbx_ordinal 
'Shakked, Z.'              1 
'Guerstein-Guzikevich, G.' 2 
'Eisenstein, M.'           3 
'Frolow, F.'               4 
'Rabinovich, D.'           5 
# 
loop_
_citation.id 
_citation.title 
_citation.journal_abbrev 
_citation.journal_volume 
_citation.page_first 
_citation.page_last 
_citation.year 
_citation.journal_id_ASTM 
_citation.country 
_citation.journal_id_ISSN 
_citation.journal_id_CSD 
_citation.book_publisher 
_citation.pdbx_database_id_PubMed 
_citation.pdbx_database_id_DOI 
primary 'The conformation of the DNA double helix in the crystal is dependent on its environment.'          Nature      342 456 
460 1989 NATUAS UK 0028-0836 0006 ? 2586615 10.1038/342456a0 
1       'Structures of the Mismatched Duplex d(GGGTGCCC) and One of Its Watson-Crick Analogues d(GGGCGCCC)' J.Mol.Biol. 200 151 
161 1988 JMOBAK UK 0022-2836 0070 ? ?       ?                
# 
loop_
_citation_author.citation_id 
_citation_author.name 
_citation_author.ordinal 
_citation_author.identifier_ORCID 
primary 'Shakked, Z.'              1 ? 
primary 'Guerstein-Guzikevich, G.' 2 ? 
primary 'Eisenstein, M.'           3 ? 
primary 'Frolow, F.'               4 ? 
primary 'Rabinovich, D.'           5 ? 
1       'Rabinovich, D.'           6 ? 
1       'Haran, T.'                7 ? 
1       'Eisenstein, M.'           8 ? 
1       'Shakked, Z.'              9 ? 
# 
loop_
_entity.id 
_entity.type 
_entity.src_method 
_entity.pdbx_description 
_entity.formula_weight 
_entity.pdbx_number_of_molecules 
_entity.pdbx_ec 
_entity.pdbx_mutation 
_entity.pdbx_fragment 
_entity.details 
1 polymer man 
;DNA (5'-D(*GP*GP*GP*CP*GP*CP*CP*C)-3')
;
2428.593 1  ? ? ? ? 
2 water   nat water                                    18.015   88 ? ? ? ? 
# 
_entity_poly.entity_id                      1 
_entity_poly.type                           polydeoxyribonucleotide 
_entity_poly.nstd_linkage                   no 
_entity_poly.nstd_monomer                   no 
_entity_poly.pdbx_seq_one_letter_code       '(DG)(DG)(DG)(DC)(DG)(DC)(DC)(DC)' 
_entity_poly.pdbx_seq_one_letter_code_can   GGGCGCCC 
_entity_poly.pdbx_strand_id                 A 
_entity_poly.pdbx_target_identifier         ? 
# 
_pdbx_entity_nonpoly.entity_id   2 
_pdbx_entity_nonpoly.name        water 
_pdbx_entity_nonpoly.comp_id     HOH 
# 
loop_
_entity_poly_seq.entity_id 
_entity_poly_seq.num 
_entity_poly_seq.mon_id 
_entity_poly_seq.hetero 
1 1 DG n 
1 2 DG n 
1 3 DG n 
1 4 DC n 
1 5 DG n 
1 6 DC n 
1 7 DC n 
1 8 DC n 
# 
loop_
_chem_comp.id 
_chem_comp.type 
_chem_comp.mon_nstd_flag 
_chem_comp.name 
_chem_comp.pdbx_synonyms 
_chem_comp.formula 
_chem_comp.formula_weight 
DC  'DNA linking' y "2'-DEOXYCYTIDINE-5'-MONOPHOSPHATE"  ? 'C9 H14 N3 O7 P'  307.197 
DG  'DNA linking' y "2'-DEOXYGUANOSINE-5'-MONOPHOSPHATE" ? 'C10 H14 N5 O7 P' 347.221 
HOH non-polymer   . WATER                                ? 'H2 O'            18.015  
# 
loop_
_pdbx_poly_seq_scheme.asym_id 
_pdbx_poly_seq_scheme.entity_id 
_pdbx_poly_seq_scheme.seq_id 
_pdbx_poly_seq_scheme.mon_id 
_pdbx_poly_seq_scheme.ndb_seq_num 
_pdbx_poly_seq_scheme.pdb_seq_num 
_pdbx_poly_seq_scheme.auth_seq_num 
_pdbx_poly_seq_scheme.pdb_mon_id 
_pdbx_poly_seq_scheme.auth_mon_id 
_pdbx_poly_seq_scheme.pdb_strand_id 
_pdbx_poly_seq_scheme.pdb_ins_code 
_pdbx_poly_seq_scheme.hetero 
A 1 1 DG 1 1 1 DG G A . n 
A 1 2 DG 2 2 2 DG G A . n 
A 1 3 DG 3 3 3 DG G A . n 
A 1 4 DC 4 4 4 DC C A . n 
A 1 5 DG 5 5 5 DG G A . n 
A 1 6 DC 6 6 6 DC C A . n 
A 1 7 DC 7 7 7 DC C A . n 
A 1 8 DC 8 8 8 DC C A . n 
# 
loop_
_pdbx_nonpoly_scheme.asym_id 
_pdbx_nonpoly_scheme.entity_id 
_pdbx_nonpoly_scheme.mon_id 
_pdbx_nonpoly_scheme.ndb_seq_num 
_pdbx_nonpoly_scheme.pdb_seq_num 
_pdbx_nonpoly_scheme.auth_seq_num 
_pdbx_nonpoly_scheme.pdb_mon_id 
_pdbx_nonpoly_scheme.auth_mon_id 
_pdbx_nonpoly_scheme.pdb_strand_id 
_pdbx_nonpoly_scheme.pdb_ins_code 
B 2 HOH 1  9  9  HOH HOH A . 
B 2 HOH 2  10 10 HOH HOH A . 
B 2 HOH 3  11 11 HOH HOH A . 
B 2 HOH 4  12 12 HOH HOH A . 
B 2 HOH 5  13 13 HOH HOH A . 
B 2 HOH 6  14 14 HOH HOH A . 
B 2 HOH 7  15 15 HOH HOH A . 
B 2 HOH 8  16 16 HOH HOH A . 
B 2 HOH 9  17 17 HOH HOH A . 
B 2 HOH 10 18 18 HOH HOH A . 
B 2 HOH 11 19 19 HOH HOH A . 
B 2 HOH 12 20 20 HOH HOH A . 
B 2 HOH 13 21 21 HOH HOH A . 
B 2 HOH 14 22 22 HOH HOH A . 
B 2 HOH 15 23 23 HOH HOH A . 
B 2 HOH 16 24 24 HOH HOH A . 
B 2 HOH 17 25 25 HOH HOH A . 
B 2 HOH 18 26 26 HOH HOH A . 
B 2 HOH 19 27 27 HOH HOH A . 
B 2 HOH 20 28 28 HOH HOH A . 
B 2 HOH 21 29 29 HOH HOH A . 
B 2 HOH 22 30 30 HOH HOH A . 
B 2 HOH 23 31 31 HOH HOH A . 
B 2 HOH 24 32 32 HOH HOH A . 
B 2 HOH 25 33 33 HOH HOH A . 
B 2 HOH 26 34 34 HOH HOH A . 
B 2 HOH 27 35 35 HOH HOH A . 
B 2 HOH 28 36 36 HOH HOH A . 
B 2 HOH 29 37 37 HOH HOH A . 
B 2 HOH 30 38 38 HOH HOH A . 
B 2 HOH 31 39 39 HOH HOH A . 
B 2 HOH 32 40 40 HOH HOH A . 
B 2 HOH 33 41 41 HOH HOH A . 
B 2 HOH 34 42 42 HOH HOH A . 
B 2 HOH 35 43 43 HOH HOH A . 
B 2 HOH 36 44 44 HOH HOH A . 
B 2 HOH 37 45 45 HOH HOH A . 
B 2 HOH 38 46 46 HOH HOH A . 
B 2 HOH 39 47 47 HOH HOH A . 
B 2 HOH 40 48 48 HOH HOH A . 
B 2 HOH 41 49 49 HOH HOH A . 
B 2 HOH 42 50 50 HOH HOH A . 
B 2 HOH 43 51 51 HOH HOH A . 
B 2 HOH 44 52 52 HOH HOH A . 
B 2 HOH 45 53 53 HOH HOH A . 
B 2 HOH 46 54 54 HOH HOH A . 
B 2 HOH 47 55 55 HOH HOH A . 
B 2 HOH 48 56 56 HOH HOH A . 
B 2 HOH 49 57 57 HOH HOH A . 
B 2 HOH 50 58 58 HOH HOH A . 
B 2 HOH 51 59 59 HOH HOH A . 
B 2 HOH 52 60 60 HOH HOH A . 
B 2 HOH 53 61 61 HOH HOH A . 
B 2 HOH 54 62 62 HOH HOH A . 
B 2 HOH 55 63 63 HOH HOH A . 
B 2 HOH 56 64 64 HOH HOH A . 
B 2 HOH 57 65 65 HOH HOH A . 
B 2 HOH 58 66 66 HOH HOH A . 
B 2 HOH 59 67 67 HOH HOH A . 
B 2 HOH 60 68 68 HOH HOH A . 
B 2 HOH 61 69 69 HOH HOH A . 
B 2 HOH 62 70 70 HOH HOH A . 
B 2 HOH 63 71 71 HOH HOH A . 
B 2 HOH 64 72 72 HOH HOH A . 
B 2 HOH 65 73 73 HOH HOH A . 
B 2 HOH 66 74 74 HOH HOH A . 
B 2 HOH 67 75 75 HOH HOH A . 
B 2 HOH 68 76 76 HOH HOH A . 
B 2 HOH 69 77 77 HOH HOH A . 
B 2 HOH 70 78 78 HOH HOH A . 
B 2 HOH 71 79 79 HOH HOH A . 
B 2 HOH 72 80 80 HOH HOH A . 
B 2 HOH 73 81 81 HOH HOH A . 
B 2 HOH 74 82 82 HOH HOH A . 
B 2 HOH 75 83 83 HOH HOH A . 
B 2 HOH 76 84 84 HOH HOH A . 
B 2 HOH 77 85 85 HOH HOH A . 
B 2 HOH 78 86 86 HOH HOH A . 
B 2 HOH 79 87 87 HOH HOH A . 
B 2 HOH 80 88 88 HOH HOH A . 
B 2 HOH 81 89 89 HOH HOH A . 
B 2 HOH 82 90 90 HOH HOH A . 
B 2 HOH 83 91 91 HOH HOH A . 
B 2 HOH 84 92 92 HOH HOH A . 
B 2 HOH 85 93 93 HOH HOH A . 
B 2 HOH 86 94 94 HOH HOH A . 
B 2 HOH 87 95 95 HOH HOH A . 
B 2 HOH 88 96 96 HOH HOH A . 
# 
_software.name             NUCLSQ 
_software.classification   refinement 
_software.version          . 
_software.citation_id      ? 
_software.pdbx_ordinal     1 
# 
_cell.entry_id           2D94 
_cell.length_a           43.280 
_cell.length_b           43.280 
_cell.length_c           24.660 
_cell.angle_alpha        90.00 
_cell.angle_beta         90.00 
_cell.angle_gamma        90.00 
_cell.Z_PDB              8 
_cell.pdbx_unique_axis   ? 
# 
_symmetry.entry_id                         2D94 
_symmetry.space_group_name_H-M             'P 43 21 2' 
_symmetry.pdbx_full_space_group_name_H-M   ? 
_symmetry.cell_setting                     ? 
_symmetry.Int_Tables_number                96 
# 
_exptl.entry_id          2D94 
_exptl.method            'X-RAY DIFFRACTION' 
_exptl.crystals_number   ? 
# 
_exptl_crystal.id                    1 
_exptl_crystal.density_meas          ? 
_exptl_crystal.density_Matthews      2.38 
_exptl_crystal.density_percent_sol   48.27 
_exptl_crystal.description           ? 
# 
_exptl_crystal_grow.crystal_id      1 
_exptl_crystal_grow.method          'VAPOR DIFFUSION' 
_exptl_crystal_grow.temp            292.00 
_exptl_crystal_grow.temp_details    ? 
_exptl_crystal_grow.pH              7.00 
_exptl_crystal_grow.pdbx_details    'pH 7.00, VAPOR DIFFUSION, temperature 292.00K' 
_exptl_crystal_grow.pdbx_pH_range   ? 
# 
loop_
_exptl_crystal_grow_comp.crystal_id 
_exptl_crystal_grow_comp.id 
_exptl_crystal_grow_comp.sol_id 
_exptl_crystal_grow_comp.name 
_exptl_crystal_grow_comp.volume 
_exptl_crystal_grow_comp.conc 
_exptl_crystal_grow_comp.details 
1 1 1 WATER           ? ? ? 
1 2 1 MPD             ? ? ? 
1 3 1 MGCL2           ? ? ? 
1 4 1 SPERMINE_HCL    ? ? ? 
1 5 1 'NA CACODYLATE' ? ? ? 
1 6 2 WATER           ? ? ? 
1 7 2 MPD             ? ? ? 
# 
_diffrn.id                     1 
_diffrn.ambient_temp           ? 
_diffrn.ambient_temp_details   'ROOM TEMPERATURE' 
_diffrn.crystal_id             1 
# 
_diffrn_detector.diffrn_id              1 
_diffrn_detector.detector               CCD 
_diffrn_detector.type                   'NONIUS CAD4' 
_diffrn_detector.pdbx_collection_date   ? 
_diffrn_detector.details                ? 
# 
_diffrn_radiation.diffrn_id                        1 
_diffrn_radiation.wavelength_id                    1 
_diffrn_radiation.pdbx_monochromatic_or_laue_m_l   ? 
_diffrn_radiation.monochromator                    ? 
_diffrn_radiation.pdbx_diffrn_protocol             ? 
_diffrn_radiation.pdbx_scattering_type             x-ray 
# 
_diffrn_radiation_wavelength.id           1 
_diffrn_radiation_wavelength.wavelength   . 
_diffrn_radiation_wavelength.wt           1.0 
# 
_diffrn_source.diffrn_id                   1 
_diffrn_source.source                      ? 
_diffrn_source.type                        ? 
_diffrn_source.pdbx_synchrotron_site       ? 
_diffrn_source.pdbx_synchrotron_beamline   ? 
_diffrn_source.pdbx_wavelength             ? 
_diffrn_source.pdbx_wavelength_list        ? 
# 
_reflns.entry_id                     2D94 
_reflns.observed_criterion_sigma_I   ? 
_reflns.observed_criterion_sigma_F   2.000 
_reflns.d_resolution_low             ? 
_reflns.d_resolution_high            1.700 
_reflns.number_obs                   2027 
_reflns.number_all                   ? 
_reflns.percent_possible_obs         ? 
_reflns.pdbx_Rmerge_I_obs            ? 
_reflns.pdbx_Rsym_value              ? 
_reflns.pdbx_netI_over_sigmaI        ? 
_reflns.B_iso_Wilson_estimate        ? 
_reflns.pdbx_redundancy              ? 
_reflns.pdbx_diffrn_id               1 
_reflns.pdbx_ordinal                 1 
# 
_refine.entry_id                                 2D94 
_refine.ls_number_reflns_obs                     2027 
_refine.ls_number_reflns_all                     ? 
_refine.pdbx_ls_sigma_I                          ? 
_refine.pdbx_ls_sigma_F                          2.000 
_refine.pdbx_data_cutoff_high_absF               ? 
_refine.pdbx_data_cutoff_low_absF                ? 
_refine.pdbx_data_cutoff_high_rms_absF           ? 
_refine.ls_d_res_low                             ? 
_refine.ls_d_res_high                            1.700 
_refine.ls_percent_reflns_obs                    ? 
_refine.ls_R_factor_obs                          0.1620000 
_refine.ls_R_factor_all                          ? 
_refine.ls_R_factor_R_work                       ? 
_refine.ls_R_factor_R_free                       ? 
_refine.ls_R_factor_R_free_error                 ? 
_refine.ls_R_factor_R_free_error_details         ? 
_refine.ls_percent_reflns_R_free                 ? 
_refine.ls_number_reflns_R_free                  ? 
_refine.ls_number_parameters                     ? 
_refine.ls_number_restraints                     ? 
_refine.occupancy_min                            ? 
_refine.occupancy_max                            ? 
_refine.B_iso_mean                               ? 
_refine.aniso_B[1][1]                            ? 
_refine.aniso_B[2][2]                            ? 
_refine.aniso_B[3][3]                            ? 
_refine.aniso_B[1][2]                            ? 
_refine.aniso_B[1][3]                            ? 
_refine.aniso_B[2][3]                            ? 
_refine.solvent_model_details                    ? 
_refine.solvent_model_param_ksol                 ? 
_refine.solvent_model_param_bsol                 ? 
_refine.pdbx_ls_cross_valid_method               ? 
_refine.details                                  ? 
_refine.pdbx_starting_model                      ? 
_refine.pdbx_method_to_determine_struct          ? 
_refine.pdbx_isotropic_thermal_model             ? 
_refine.pdbx_stereochemistry_target_values       ? 
_refine.pdbx_stereochem_target_val_spec_case     ? 
_refine.pdbx_R_Free_selection_details            ? 
_refine.pdbx_overall_ESU_R                       ? 
_refine.pdbx_overall_ESU_R_Free                  ? 
_refine.overall_SU_ML                            ? 
_refine.overall_SU_B                             ? 
_refine.pdbx_refine_id                           'X-RAY DIFFRACTION' 
_refine.pdbx_diffrn_id                           1 
_refine.pdbx_TLS_residual_ADP_flag               ? 
_refine.correlation_coeff_Fo_to_Fc               ? 
_refine.correlation_coeff_Fo_to_Fc_free          ? 
_refine.pdbx_solvent_vdw_probe_radii             ? 
_refine.pdbx_solvent_ion_probe_radii             ? 
_refine.pdbx_solvent_shrinkage_radii             ? 
_refine.pdbx_overall_phase_error                 ? 
_refine.overall_SU_R_Cruickshank_DPI             ? 
_refine.pdbx_overall_SU_R_free_Cruickshank_DPI   ? 
_refine.pdbx_overall_SU_R_Blow_DPI               ? 
_refine.pdbx_overall_SU_R_free_Blow_DPI          ? 
# 
_refine_hist.pdbx_refine_id                   'X-RAY DIFFRACTION' 
_refine_hist.cycle_id                         LAST 
_refine_hist.pdbx_number_atoms_protein        0 
_refine_hist.pdbx_number_atoms_nucleic_acid   161 
_refine_hist.pdbx_number_atoms_ligand         0 
_refine_hist.number_atoms_solvent             88 
_refine_hist.number_atoms_total               249 
_refine_hist.d_res_high                       1.700 
_refine_hist.d_res_low                        . 
# 
_struct.entry_id                  2D94 
_struct.title                     'THE CONFORMATION OF THE DNA DOUBLE HELIX IN THE CRYSTAL IS DEPENDENT ON ITS ENVIRONMENT' 
_struct.pdbx_model_details        ? 
_struct.pdbx_CASP_flag            ? 
_struct.pdbx_model_type_details   ? 
# 
_struct_keywords.entry_id        2D94 
_struct_keywords.pdbx_keywords   DNA 
_struct_keywords.text            'A-DNA, DOUBLE HELIX, DNA' 
# 
loop_
_struct_asym.id 
_struct_asym.pdbx_blank_PDB_chainid_flag 
_struct_asym.pdbx_modified 
_struct_asym.entity_id 
_struct_asym.details 
A N N 1 ? 
B N N 2 ? 
# 
_struct_ref.id                         1 
_struct_ref.entity_id                  1 
_struct_ref.db_name                    PDB 
_struct_ref.db_code                    2D94 
_struct_ref.pdbx_db_accession          2D94 
_struct_ref.pdbx_db_isoform            ? 
_struct_ref.pdbx_seq_one_letter_code   ? 
_struct_ref.pdbx_align_begin           ? 
# 
_struct_ref_seq.align_id                      1 
_struct_ref_seq.ref_id                        1 
_struct_ref_seq.pdbx_PDB_id_code              2D94 
_struct_ref_seq.pdbx_strand_id                A 
_struct_ref_seq.seq_align_beg                 1 
_struct_ref_seq.pdbx_seq_align_beg_ins_code   ? 
_struct_ref_seq.seq_align_end                 8 
_struct_ref_seq.pdbx_seq_align_end_ins_code   ? 
_struct_ref_seq.pdbx_db_accession             2D94 
_struct_ref_seq.db_align_beg                  1 
_struct_ref_seq.pdbx_db_align_beg_ins_code    ? 
_struct_ref_seq.db_align_end                  8 
_struct_ref_seq.pdbx_db_align_end_ins_code    ? 
_struct_ref_seq.pdbx_auth_seq_align_beg       1 
_struct_ref_seq.pdbx_auth_seq_align_end       8 
# 
_pdbx_struct_assembly.id                   1 
_pdbx_struct_assembly.details              author_defined_assembly 
_pdbx_struct_assembly.method_details       ? 
_pdbx_struct_assembly.oligomeric_details   dimeric 
_pdbx_struct_assembly.oligomeric_count     2 
# 
_pdbx_struct_assembly_gen.assembly_id       1 
_pdbx_struct_assembly_gen.oper_expression   1,2 
_pdbx_struct_assembly_gen.asym_id_list      A,B 
# 
loop_
_pdbx_struct_oper_list.id 
_pdbx_struct_oper_list.type 
_pdbx_struct_oper_list.name 
_pdbx_struct_oper_list.symmetry_operation 
_pdbx_struct_oper_list.matrix[1][1] 
_pdbx_struct_oper_list.matrix[1][2] 
_pdbx_struct_oper_list.matrix[1][3] 
_pdbx_struct_oper_list.vector[1] 
_pdbx_struct_oper_list.matrix[2][1] 
_pdbx_struct_oper_list.matrix[2][2] 
_pdbx_struct_oper_list.matrix[2][3] 
_pdbx_struct_oper_list.vector[2] 
_pdbx_struct_oper_list.matrix[3][1] 
_pdbx_struct_oper_list.matrix[3][2] 
_pdbx_struct_oper_list.matrix[3][3] 
_pdbx_struct_oper_list.vector[3] 
1 'identity operation'         1_555 x,y,z  1.0000000000  0.0000000000  0.0000000000  0.0000000000  0.0000000000  1.0000000000 0.0000000000 0.0000000000  0.0000000000  0.0000000000 1.0000000000  0.0000000000 
2 'crystal symmetry operation' 7_555 y,x,-z -0.9289880857 -0.3366196681 -0.1538451681 -4.1465730096 -0.3366196681 0.5956871744 0.7292763464 -1.9616058018 -0.1538451681 0.7292763464 -0.6666990887 2.3780987792 
# 
_struct_biol.id   1 
# 
loop_
_struct_conn.id 
_struct_conn.conn_type_id 
_struct_conn.pdbx_leaving_atom_flag 
_struct_conn.pdbx_PDB_id 
_struct_conn.ptnr1_label_asym_id 
_struct_conn.ptnr1_label_comp_id 
_struct_conn.ptnr1_label_seq_id 
_struct_conn.ptnr1_label_atom_id 
_struct_conn.pdbx_ptnr1_label_alt_id 
_struct_conn.pdbx_ptnr1_PDB_ins_code 
_struct_conn.pdbx_ptnr1_standard_comp_id 
_struct_conn.ptnr1_symmetry 
_struct_conn.ptnr2_label_asym_id 
_struct_conn.ptnr2_label_comp_id 
_struct_conn.ptnr2_label_seq_id 
_struct_conn.ptnr2_label_atom_id 
_struct_conn.pdbx_ptnr2_label_alt_id 
_struct_conn.pdbx_ptnr2_PDB_ins_code 
_struct_conn.ptnr1_auth_asym_id 
_struct_conn.ptnr1_auth_comp_id 
_struct_conn.ptnr1_auth_seq_id 
_struct_conn.ptnr2_auth_asym_id 
_struct_conn.ptnr2_auth_comp_id 
_struct_conn.ptnr2_auth_seq_id 
_struct_conn.ptnr2_symmetry 
_struct_conn.pdbx_ptnr3_label_atom_id 
_struct_conn.pdbx_ptnr3_label_seq_id 
_struct_conn.pdbx_ptnr3_label_comp_id 
_struct_conn.pdbx_ptnr3_label_asym_id 
_struct_conn.pdbx_ptnr3_label_alt_id 
_struct_conn.pdbx_ptnr3_PDB_ins_code 
_struct_conn.details 
_struct_conn.pdbx_dist_value 
_struct_conn.pdbx_value_order 
_struct_conn.pdbx_role 
hydrog1  hydrog ? ? A DG 1 N1 ? ? ? 1_555 A DC 8 N3 ? ? A DG 1 A DC 8 7_555 ? ? ? ? ? ? WATSON-CRICK ? ? ? 
hydrog2  hydrog ? ? A DG 1 N2 ? ? ? 1_555 A DC 8 O2 ? ? A DG 1 A DC 8 7_555 ? ? ? ? ? ? WATSON-CRICK ? ? ? 
hydrog3  hydrog ? ? A DG 1 O6 ? ? ? 1_555 A DC 8 N4 ? ? A DG 1 A DC 8 7_555 ? ? ? ? ? ? WATSON-CRICK ? ? ? 
hydrog4  hydrog ? ? A DG 2 N1 ? ? ? 1_555 A DC 7 N3 ? ? A DG 2 A DC 7 7_555 ? ? ? ? ? ? WATSON-CRICK ? ? ? 
hydrog5  hydrog ? ? A DG 2 N2 ? ? ? 1_555 A DC 7 O2 ? ? A DG 2 A DC 7 7_555 ? ? ? ? ? ? WATSON-CRICK ? ? ? 
hydrog6  hydrog ? ? A DG 2 O6 ? ? ? 1_555 A DC 7 N4 ? ? A DG 2 A DC 7 7_555 ? ? ? ? ? ? WATSON-CRICK ? ? ? 
hydrog7  hydrog ? ? A DG 3 N1 ? ? ? 1_555 A DC 6 N3 ? ? A DG 3 A DC 6 7_555 ? ? ? ? ? ? WATSON-CRICK ? ? ? 
hydrog8  hydrog ? ? A DG 3 N2 ? ? ? 1_555 A DC 6 O2 ? ? A DG 3 A DC 6 7_555 ? ? ? ? ? ? WATSON-CRICK ? ? ? 
hydrog9  hydrog ? ? A DG 3 O6 ? ? ? 1_555 A DC 6 N4 ? ? A DG 3 A DC 6 7_555 ? ? ? ? ? ? WATSON-CRICK ? ? ? 
hydrog10 hydrog ? ? A DC 4 N3 ? ? ? 1_555 A DG 5 N1 ? ? A DC 4 A DG 5 7_555 ? ? ? ? ? ? WATSON-CRICK ? ? ? 
hydrog11 hydrog ? ? A DC 4 N4 ? ? ? 1_555 A DG 5 O6 ? ? A DC 4 A DG 5 7_555 ? ? ? ? ? ? WATSON-CRICK ? ? ? 
hydrog12 hydrog ? ? A DC 4 O2 ? ? ? 1_555 A DG 5 N2 ? ? A DC 4 A DG 5 7_555 ? ? ? ? ? ? WATSON-CRICK ? ? ? 
hydrog13 hydrog ? ? A DG 5 N1 ? ? ? 1_555 A DC 4 N3 ? ? A DG 5 A DC 4 7_555 ? ? ? ? ? ? WATSON-CRICK ? ? ? 
hydrog14 hydrog ? ? A DG 5 N2 ? ? ? 1_555 A DC 4 O2 ? ? A DG 5 A DC 4 7_555 ? ? ? ? ? ? WATSON-CRICK ? ? ? 
hydrog15 hydrog ? ? A DG 5 O6 ? ? ? 1_555 A DC 4 N4 ? ? A DG 5 A DC 4 7_555 ? ? ? ? ? ? WATSON-CRICK ? ? ? 
hydrog16 hydrog ? ? A DC 6 N3 ? ? ? 1_555 A DG 3 N1 ? ? A DC 6 A DG 3 7_555 ? ? ? ? ? ? WATSON-CRICK ? ? ? 
hydrog17 hydrog ? ? A DC 6 N4 ? ? ? 1_555 A DG 3 O6 ? ? A DC 6 A DG 3 7_555 ? ? ? ? ? ? WATSON-CRICK ? ? ? 
hydrog18 hydrog ? ? A DC 6 O2 ? ? ? 1_555 A DG 3 N2 ? ? A DC 6 A DG 3 7_555 ? ? ? ? ? ? WATSON-CRICK ? ? ? 
hydrog19 hydrog ? ? A DC 7 N3 ? ? ? 1_555 A DG 2 N1 ? ? A DC 7 A DG 2 7_555 ? ? ? ? ? ? WATSON-CRICK ? ? ? 
hydrog20 hydrog ? ? A DC 7 N4 ? ? ? 1_555 A DG 2 O6 ? ? A DC 7 A DG 2 7_555 ? ? ? ? ? ? WATSON-CRICK ? ? ? 
hydrog21 hydrog ? ? A DC 7 O2 ? ? ? 1_555 A DG 2 N2 ? ? A DC 7 A DG 2 7_555 ? ? ? ? ? ? WATSON-CRICK ? ? ? 
hydrog22 hydrog ? ? A DC 8 N3 ? ? ? 1_555 A DG 1 N1 ? ? A DC 8 A DG 1 7_555 ? ? ? ? ? ? WATSON-CRICK ? ? ? 
hydrog23 hydrog ? ? A DC 8 N4 ? ? ? 1_555 A DG 1 O6 ? ? A DC 8 A DG 1 7_555 ? ? ? ? ? ? WATSON-CRICK ? ? ? 
hydrog24 hydrog ? ? A DC 8 O2 ? ? ? 1_555 A DG 1 N2 ? ? A DC 8 A DG 1 7_555 ? ? ? ? ? ? WATSON-CRICK ? ? ? 
# 
_struct_conn_type.id          hydrog 
_struct_conn_type.criteria    ? 
_struct_conn_type.reference   ? 
# 
loop_
_pdbx_validate_close_contact.id 
_pdbx_validate_close_contact.PDB_model_num 
_pdbx_validate_close_contact.auth_atom_id_1 
_pdbx_validate_close_contact.auth_asym_id_1 
_pdbx_validate_close_contact.auth_comp_id_1 
_pdbx_validate_close_contact.auth_seq_id_1 
_pdbx_validate_close_contact.PDB_ins_code_1 
_pdbx_validate_close_contact.label_alt_id_1 
_pdbx_validate_close_contact.auth_atom_id_2 
_pdbx_validate_close_contact.auth_asym_id_2 
_pdbx_validate_close_contact.auth_comp_id_2 
_pdbx_validate_close_contact.auth_seq_id_2 
_pdbx_validate_close_contact.PDB_ins_code_2 
_pdbx_validate_close_contact.label_alt_id_2 
_pdbx_validate_close_contact.dist 
1  1 O A HOH 11 ? ? O A HOH 12 ? ? 0.00 
2  1 O A HOH 15 ? ? O A HOH 16 ? ? 0.00 
3  1 O A HOH 27 ? ? O A HOH 28 ? ? 0.00 
4  1 O A HOH 31 ? ? O A HOH 32 ? ? 0.00 
5  1 O A HOH 37 ? ? O A HOH 38 ? ? 0.00 
6  1 O A HOH 41 ? ? O A HOH 42 ? ? 0.00 
7  1 O A HOH 51 ? ? O A HOH 52 ? ? 0.00 
8  1 O A HOH 67 ? ? O A HOH 68 ? ? 0.00 
9  1 O A HOH 69 ? ? O A HOH 70 ? ? 0.00 
10 1 O A HOH 79 ? ? O A HOH 80 ? ? 0.00 
11 1 O A HOH 81 ? ? O A HOH 82 ? ? 0.00 
12 1 O A HOH 83 ? ? O A HOH 84 ? ? 0.00 
13 1 O A HOH 85 ? ? O A HOH 86 ? ? 0.00 
14 1 O A HOH 87 ? ? O A HOH 88 ? ? 0.00 
15 1 O A HOH 91 ? ? O A HOH 92 ? ? 0.00 
# 
loop_
_pdbx_validate_symm_contact.id 
_pdbx_validate_symm_contact.PDB_model_num 
_pdbx_validate_symm_contact.auth_atom_id_1 
_pdbx_validate_symm_contact.auth_asym_id_1 
_pdbx_validate_symm_contact.auth_comp_id_1 
_pdbx_validate_symm_contact.auth_seq_id_1 
_pdbx_validate_symm_contact.PDB_ins_code_1 
_pdbx_validate_symm_contact.label_alt_id_1 
_pdbx_validate_symm_contact.site_symmetry_1 
_pdbx_validate_symm_contact.auth_atom_id_2 
_pdbx_validate_symm_contact.auth_asym_id_2 
_pdbx_validate_symm_contact.auth_comp_id_2 
_pdbx_validate_symm_contact.auth_seq_id_2 
_pdbx_validate_symm_contact.PDB_ins_code_2 
_pdbx_validate_symm_contact.label_alt_id_2 
_pdbx_validate_symm_contact.site_symmetry_2 
_pdbx_validate_symm_contact.dist 
1 1 O A HOH 9  ? ? 1_555 O A HOH 10 ? ? 7_555 0.00 
2 1 O A HOH 19 ? ? 1_555 O A HOH 20 ? ? 7_555 0.00 
3 1 O A HOH 33 ? ? 1_555 O A HOH 34 ? ? 7_555 0.00 
4 1 O A HOH 49 ? ? 1_555 O A HOH 50 ? ? 7_555 0.00 
5 1 O A HOH 75 ? ? 1_555 O A HOH 76 ? ? 7_555 0.00 
6 1 O A HOH 61 ? ? 1_555 O A HOH 62 ? ? 3_554 0.00 
# 
loop_
_pdbx_validate_rmsd_bond.id 
_pdbx_validate_rmsd_bond.PDB_model_num 
_pdbx_validate_rmsd_bond.auth_atom_id_1 
_pdbx_validate_rmsd_bond.auth_asym_id_1 
_pdbx_validate_rmsd_bond.auth_comp_id_1 
_pdbx_validate_rmsd_bond.auth_seq_id_1 
_pdbx_validate_rmsd_bond.PDB_ins_code_1 
_pdbx_validate_rmsd_bond.label_alt_id_1 
_pdbx_validate_rmsd_bond.auth_atom_id_2 
_pdbx_validate_rmsd_bond.auth_asym_id_2 
_pdbx_validate_rmsd_bond.auth_comp_id_2 
_pdbx_validate_rmsd_bond.auth_seq_id_2 
_pdbx_validate_rmsd_bond.PDB_ins_code_2 
_pdbx_validate_rmsd_bond.label_alt_id_2 
_pdbx_validate_rmsd_bond.bond_value 
_pdbx_validate_rmsd_bond.bond_target_value 
_pdbx_validate_rmsd_bond.bond_deviation 
_pdbx_validate_rmsd_bond.bond_standard_deviation 
_pdbx_validate_rmsd_bond.linker_flag 
1 1 P A DG 3 ? ? "O5'" A DG 3 ? ? 1.519 1.593 -0.074 0.010 N 
2 1 P A DG 5 ? ? "O5'" A DG 5 ? ? 1.674 1.593 0.081  0.010 N 
# 
loop_
_pdbx_validate_rmsd_angle.id 
_pdbx_validate_rmsd_angle.PDB_model_num 
_pdbx_validate_rmsd_angle.auth_atom_id_1 
_pdbx_validate_rmsd_angle.auth_asym_id_1 
_pdbx_validate_rmsd_angle.auth_comp_id_1 
_pdbx_validate_rmsd_angle.auth_seq_id_1 
_pdbx_validate_rmsd_angle.PDB_ins_code_1 
_pdbx_validate_rmsd_angle.label_alt_id_1 
_pdbx_validate_rmsd_angle.auth_atom_id_2 
_pdbx_validate_rmsd_angle.auth_asym_id_2 
_pdbx_validate_rmsd_angle.auth_comp_id_2 
_pdbx_validate_rmsd_angle.auth_seq_id_2 
_pdbx_validate_rmsd_angle.PDB_ins_code_2 
_pdbx_validate_rmsd_angle.label_alt_id_2 
_pdbx_validate_rmsd_angle.auth_atom_id_3 
_pdbx_validate_rmsd_angle.auth_asym_id_3 
_pdbx_validate_rmsd_angle.auth_comp_id_3 
_pdbx_validate_rmsd_angle.auth_seq_id_3 
_pdbx_validate_rmsd_angle.PDB_ins_code_3 
_pdbx_validate_rmsd_angle.label_alt_id_3 
_pdbx_validate_rmsd_angle.angle_value 
_pdbx_validate_rmsd_angle.angle_target_value 
_pdbx_validate_rmsd_angle.angle_deviation 
_pdbx_validate_rmsd_angle.angle_standard_deviation 
_pdbx_validate_rmsd_angle.linker_flag 
1  1 "C3'" A DG 1 ? ? "O3'" A DG 1 ? ? P     A DG 2 ? ? 127.48 119.70 7.78   1.20 Y 
2  1 "O5'" A DG 2 ? ? P     A DG 2 ? ? OP1   A DG 2 ? ? 118.66 110.70 7.96   1.20 N 
3  1 "C3'" A DG 2 ? ? "C2'" A DG 2 ? ? "C1'" A DG 2 ? ? 97.02  102.40 -5.38  0.80 N 
4  1 "O4'" A DG 2 ? ? "C1'" A DG 2 ? ? "C2'" A DG 2 ? ? 110.28 106.80 3.48   0.50 N 
5  1 "O5'" A DG 3 ? ? "C5'" A DG 3 ? ? "C4'" A DG 3 ? ? 100.60 109.40 -8.80  0.80 N 
6  1 "O4'" A DG 3 ? ? "C1'" A DG 3 ? ? "C2'" A DG 3 ? ? 110.89 106.80 4.09   0.50 N 
7  1 "O5'" A DC 4 ? ? P     A DC 4 ? ? OP1   A DC 4 ? ? 97.84  105.70 -7.86  0.90 N 
8  1 "O5'" A DC 4 ? ? P     A DC 4 ? ? OP2   A DC 4 ? ? 118.27 110.70 7.57   1.20 N 
9  1 "O5'" A DC 4 ? ? "C5'" A DC 4 ? ? "C4'" A DC 4 ? ? 101.71 109.40 -7.69  0.80 N 
10 1 "O4'" A DC 4 ? ? "C1'" A DC 4 ? ? N1    A DC 4 ? ? 110.10 108.30 1.80   0.30 N 
11 1 N3    A DC 4 ? ? C2    A DC 4 ? ? O2    A DC 4 ? ? 126.80 121.90 4.90   0.70 N 
12 1 "O3'" A DC 4 ? ? P     A DG 5 ? ? OP2   A DG 5 ? ? 119.33 110.50 8.83   1.10 Y 
13 1 "O5'" A DG 5 ? ? P     A DG 5 ? ? OP1   A DG 5 ? ? 92.34  105.70 -13.36 0.90 N 
14 1 "O5'" A DG 5 ? ? "C5'" A DG 5 ? ? "C4'" A DG 5 ? ? 102.95 109.40 -6.45  0.80 N 
15 1 "O4'" A DG 5 ? ? "C1'" A DG 5 ? ? N9    A DG 5 ? ? 110.66 108.30 2.36   0.30 N 
16 1 "O5'" A DC 6 ? ? P     A DC 6 ? ? OP2   A DC 6 ? ? 124.94 110.70 14.24  1.20 N 
17 1 "O5'" A DC 6 ? ? "C5'" A DC 6 ? ? "C4'" A DC 6 ? ? 101.03 109.40 -8.37  0.80 N 
18 1 C4    A DC 7 ? ? C5    A DC 7 ? ? C6    A DC 7 ? ? 120.48 117.40 3.08   0.50 N 
19 1 N1    A DC 7 ? ? C2    A DC 7 ? ? O2    A DC 7 ? ? 115.02 118.90 -3.88  0.60 N 
20 1 "O3'" A DC 7 ? ? P     A DC 8 ? ? "O5'" A DC 8 ? ? 117.40 104.00 13.40  1.90 Y 
21 1 "O5'" A DC 8 ? ? "C5'" A DC 8 ? ? "C4'" A DC 8 ? ? 102.59 109.40 -6.81  0.80 N 
22 1 "O4'" A DC 8 ? ? "C1'" A DC 8 ? ? N1    A DC 8 ? ? 112.65 108.30 4.35   0.30 N 
23 1 C4    A DC 8 ? ? C5    A DC 8 ? ? C6    A DC 8 ? ? 120.78 117.40 3.38   0.50 N 
# 
loop_
_refine_B_iso.class 
_refine_B_iso.details 
_refine_B_iso.treatment 
_refine_B_iso.pdbx_refine_id 
'ALL ATOMS'  TR isotropic 'X-RAY DIFFRACTION' 
'ALL WATERS' TR isotropic 'X-RAY DIFFRACTION' 
# 
loop_
_refine_occupancy.class 
_refine_occupancy.treatment 
_refine_occupancy.pdbx_refine_id 
'ALL ATOMS'  fix 'X-RAY DIFFRACTION' 
'ALL WATERS' fix 'X-RAY DIFFRACTION' 
# 
loop_
_chem_comp_atom.comp_id 
_chem_comp_atom.atom_id 
_chem_comp_atom.type_symbol 
_chem_comp_atom.pdbx_aromatic_flag 
_chem_comp_atom.pdbx_stereo_config 
_chem_comp_atom.pdbx_ordinal 
DC  OP3    O N N 1  
DC  P      P N N 2  
DC  OP1    O N N 3  
DC  OP2    O N N 4  
DC  "O5'"  O N N 5  
DC  "C5'"  C N N 6  
DC  "C4'"  C N R 7  
DC  "O4'"  O N N 8  
DC  "C3'"  C N S 9  
DC  "O3'"  O N N 10 
DC  "C2'"  C N N 11 
DC  "C1'"  C N R 12 
DC  N1     N N N 13 
DC  C2     C N N 14 
DC  O2     O N N 15 
DC  N3     N N N 16 
DC  C4     C N N 17 
DC  N4     N N N 18 
DC  C5     C N N 19 
DC  C6     C N N 20 
DC  HOP3   H N N 21 
DC  HOP2   H N N 22 
DC  "H5'"  H N N 23 
DC  "H5''" H N N 24 
DC  "H4'"  H N N 25 
DC  "H3'"  H N N 26 
DC  "HO3'" H N N 27 
DC  "H2'"  H N N 28 
DC  "H2''" H N N 29 
DC  "H1'"  H N N 30 
DC  H41    H N N 31 
DC  H42    H N N 32 
DC  H5     H N N 33 
DC  H6     H N N 34 
DG  OP3    O N N 35 
DG  P      P N N 36 
DG  OP1    O N N 37 
DG  OP2    O N N 38 
DG  "O5'"  O N N 39 
DG  "C5'"  C N N 40 
DG  "C4'"  C N R 41 
DG  "O4'"  O N N 42 
DG  "C3'"  C N S 43 
DG  "O3'"  O N N 44 
DG  "C2'"  C N N 45 
DG  "C1'"  C N R 46 
DG  N9     N Y N 47 
DG  C8     C Y N 48 
DG  N7     N Y N 49 
DG  C5     C Y N 50 
DG  C6     C N N 51 
DG  O6     O N N 52 
DG  N1     N N N 53 
DG  C2     C N N 54 
DG  N2     N N N 55 
DG  N3     N N N 56 
DG  C4     C Y N 57 
DG  HOP3   H N N 58 
DG  HOP2   H N N 59 
DG  "H5'"  H N N 60 
DG  "H5''" H N N 61 
DG  "H4'"  H N N 62 
DG  "H3'"  H N N 63 
DG  "HO3'" H N N 64 
DG  "H2'"  H N N 65 
DG  "H2''" H N N 66 
DG  "H1'"  H N N 67 
DG  H8     H N N 68 
DG  H1     H N N 69 
DG  H21    H N N 70 
DG  H22    H N N 71 
HOH O      O N N 72 
HOH H1     H N N 73 
HOH H2     H N N 74 
# 
loop_
_chem_comp_bond.comp_id 
_chem_comp_bond.atom_id_1 
_chem_comp_bond.atom_id_2 
_chem_comp_bond.value_order 
_chem_comp_bond.pdbx_aromatic_flag 
_chem_comp_bond.pdbx_stereo_config 
_chem_comp_bond.pdbx_ordinal 
DC  OP3   P      sing N N 1  
DC  OP3   HOP3   sing N N 2  
DC  P     OP1    doub N N 3  
DC  P     OP2    sing N N 4  
DC  P     "O5'"  sing N N 5  
DC  OP2   HOP2   sing N N 6  
DC  "O5'" "C5'"  sing N N 7  
DC  "C5'" "C4'"  sing N N 8  
DC  "C5'" "H5'"  sing N N 9  
DC  "C5'" "H5''" sing N N 10 
DC  "C4'" "O4'"  sing N N 11 
DC  "C4'" "C3'"  sing N N 12 
DC  "C4'" "H4'"  sing N N 13 
DC  "O4'" "C1'"  sing N N 14 
DC  "C3'" "O3'"  sing N N 15 
DC  "C3'" "C2'"  sing N N 16 
DC  "C3'" "H3'"  sing N N 17 
DC  "O3'" "HO3'" sing N N 18 
DC  "C2'" "C1'"  sing N N 19 
DC  "C2'" "H2'"  sing N N 20 
DC  "C2'" "H2''" sing N N 21 
DC  "C1'" N1     sing N N 22 
DC  "C1'" "H1'"  sing N N 23 
DC  N1    C2     sing N N 24 
DC  N1    C6     sing N N 25 
DC  C2    O2     doub N N 26 
DC  C2    N3     sing N N 27 
DC  N3    C4     doub N N 28 
DC  C4    N4     sing N N 29 
DC  C4    C5     sing N N 30 
DC  N4    H41    sing N N 31 
DC  N4    H42    sing N N 32 
DC  C5    C6     doub N N 33 
DC  C5    H5     sing N N 34 
DC  C6    H6     sing N N 35 
DG  OP3   P      sing N N 36 
DG  OP3   HOP3   sing N N 37 
DG  P     OP1    doub N N 38 
DG  P     OP2    sing N N 39 
DG  P     "O5'"  sing N N 40 
DG  OP2   HOP2   sing N N 41 
DG  "O5'" "C5'"  sing N N 42 
DG  "C5'" "C4'"  sing N N 43 
DG  "C5'" "H5'"  sing N N 44 
DG  "C5'" "H5''" sing N N 45 
DG  "C4'" "O4'"  sing N N 46 
DG  "C4'" "C3'"  sing N N 47 
DG  "C4'" "H4'"  sing N N 48 
DG  "O4'" "C1'"  sing N N 49 
DG  "C3'" "O3'"  sing N N 50 
DG  "C3'" "C2'"  sing N N 51 
DG  "C3'" "H3'"  sing N N 52 
DG  "O3'" "HO3'" sing N N 53 
DG  "C2'" "C1'"  sing N N 54 
DG  "C2'" "H2'"  sing N N 55 
DG  "C2'" "H2''" sing N N 56 
DG  "C1'" N9     sing N N 57 
DG  "C1'" "H1'"  sing N N 58 
DG  N9    C8     sing Y N 59 
DG  N9    C4     sing Y N 60 
DG  C8    N7     doub Y N 61 
DG  C8    H8     sing N N 62 
DG  N7    C5     sing Y N 63 
DG  C5    C6     sing N N 64 
DG  C5    C4     doub Y N 65 
DG  C6    O6     doub N N 66 
DG  C6    N1     sing N N 67 
DG  N1    C2     sing N N 68 
DG  N1    H1     sing N N 69 
DG  C2    N2     sing N N 70 
DG  C2    N3     doub N N 71 
DG  N2    H21    sing N N 72 
DG  N2    H22    sing N N 73 
DG  N3    C4     sing N N 74 
HOH O     H1     sing N N 75 
HOH O     H2     sing N N 76 
# 
_ndb_struct_conf_na.entry_id   2D94 
_ndb_struct_conf_na.feature    'a-form double helix' 
# 
loop_
_ndb_struct_na_base_pair.model_number 
_ndb_struct_na_base_pair.i_label_asym_id 
_ndb_struct_na_base_pair.i_label_comp_id 
_ndb_struct_na_base_pair.i_label_seq_id 
_ndb_struct_na_base_pair.i_symmetry 
_ndb_struct_na_base_pair.j_label_asym_id 
_ndb_struct_na_base_pair.j_label_comp_id 
_ndb_struct_na_base_pair.j_label_seq_id 
_ndb_struct_na_base_pair.j_symmetry 
_ndb_struct_na_base_pair.shear 
_ndb_struct_na_base_pair.stretch 
_ndb_struct_na_base_pair.stagger 
_ndb_struct_na_base_pair.buckle 
_ndb_struct_na_base_pair.propeller 
_ndb_struct_na_base_pair.opening 
_ndb_struct_na_base_pair.pair_number 
_ndb_struct_na_base_pair.pair_name 
_ndb_struct_na_base_pair.i_auth_asym_id 
_ndb_struct_na_base_pair.i_auth_seq_id 
_ndb_struct_na_base_pair.i_PDB_ins_code 
_ndb_struct_na_base_pair.j_auth_asym_id 
_ndb_struct_na_base_pair.j_auth_seq_id 
_ndb_struct_na_base_pair.j_PDB_ins_code 
_ndb_struct_na_base_pair.hbond_type_28 
_ndb_struct_na_base_pair.hbond_type_12 
1 A DG 1 1_555 A DC 8 7_555 -0.468 -0.152 -0.016 -5.471 -6.794  -2.866 1 A_DG1:DC8_A A 1 ? A 8 ? 19 1 
1 A DG 2 1_555 A DC 7 7_555 -0.164 -0.211 -0.330 -4.653 -9.801  2.736  2 A_DG2:DC7_A A 2 ? A 7 ? 19 1 
1 A DG 3 1_555 A DC 6 7_555 -0.356 -0.233 0.013  -6.359 -12.623 -0.756 3 A_DG3:DC6_A A 3 ? A 6 ? 19 1 
1 A DC 4 1_555 A DG 5 7_555 0.290  -0.165 0.336  -7.884 -8.337  0.904  4 A_DC4:DG5_A A 4 ? A 5 ? 19 1 
1 A DG 5 1_555 A DC 4 7_555 -0.290 -0.165 0.336  7.884  -8.337  0.904  5 A_DG5:DC4_A A 5 ? A 4 ? 19 1 
1 A DC 6 1_555 A DG 3 7_555 0.356  -0.233 0.013  6.359  -12.623 -0.756 6 A_DC6:DG3_A A 6 ? A 3 ? 19 1 
1 A DC 7 1_555 A DG 2 7_555 0.164  -0.211 -0.330 4.653  -9.801  2.736  7 A_DC7:DG2_A A 7 ? A 2 ? 19 1 
1 A DC 8 1_555 A DG 1 7_555 0.468  -0.152 -0.016 5.471  -6.794  -2.866 8 A_DC8:DG1_A A 8 ? A 1 ? 19 1 
# 
loop_
_ndb_struct_na_base_pair_step.model_number 
_ndb_struct_na_base_pair_step.i_label_asym_id_1 
_ndb_struct_na_base_pair_step.i_label_comp_id_1 
_ndb_struct_na_base_pair_step.i_label_seq_id_1 
_ndb_struct_na_base_pair_step.i_symmetry_1 
_ndb_struct_na_base_pair_step.j_label_asym_id_1 
_ndb_struct_na_base_pair_step.j_label_comp_id_1 
_ndb_struct_na_base_pair_step.j_label_seq_id_1 
_ndb_struct_na_base_pair_step.j_symmetry_1 
_ndb_struct_na_base_pair_step.i_label_asym_id_2 
_ndb_struct_na_base_pair_step.i_label_comp_id_2 
_ndb_struct_na_base_pair_step.i_label_seq_id_2 
_ndb_struct_na_base_pair_step.i_symmetry_2 
_ndb_struct_na_base_pair_step.j_label_asym_id_2 
_ndb_struct_na_base_pair_step.j_label_comp_id_2 
_ndb_struct_na_base_pair_step.j_label_seq_id_2 
_ndb_struct_na_base_pair_step.j_symmetry_2 
_ndb_struct_na_base_pair_step.shift 
_ndb_struct_na_base_pair_step.slide 
_ndb_struct_na_base_pair_step.rise 
_ndb_struct_na_base_pair_step.tilt 
_ndb_struct_na_base_pair_step.roll 
_ndb_struct_na_base_pair_step.twist 
_ndb_struct_na_base_pair_step.x_displacement 
_ndb_struct_na_base_pair_step.y_displacement 
_ndb_struct_na_base_pair_step.helical_rise 
_ndb_struct_na_base_pair_step.inclination 
_ndb_struct_na_base_pair_step.tip 
_ndb_struct_na_base_pair_step.helical_twist 
_ndb_struct_na_base_pair_step.step_number 
_ndb_struct_na_base_pair_step.step_name 
_ndb_struct_na_base_pair_step.i_auth_asym_id_1 
_ndb_struct_na_base_pair_step.i_auth_seq_id_1 
_ndb_struct_na_base_pair_step.i_PDB_ins_code_1 
_ndb_struct_na_base_pair_step.j_auth_asym_id_1 
_ndb_struct_na_base_pair_step.j_auth_seq_id_1 
_ndb_struct_na_base_pair_step.j_PDB_ins_code_1 
_ndb_struct_na_base_pair_step.i_auth_asym_id_2 
_ndb_struct_na_base_pair_step.i_auth_seq_id_2 
_ndb_struct_na_base_pair_step.i_PDB_ins_code_2 
_ndb_struct_na_base_pair_step.j_auth_asym_id_2 
_ndb_struct_na_base_pair_step.j_auth_seq_id_2 
_ndb_struct_na_base_pair_step.j_PDB_ins_code_2 
1 A DG 1 1_555 A DC 8 7_555 A DG 2 1_555 A DC 7 7_555 0.385  -1.403 3.335 2.982  9.778 33.530 -3.756 -0.206 2.849 16.479 -5.025 
35.010 1 AA_DG1DG2:DC7DC8_AA A 1 ? A 8 ? A 2 ? A 7 ? 
1 A DG 2 1_555 A DC 7 7_555 A DG 3 1_555 A DC 6 7_555 0.193  -1.662 3.368 -1.811 6.712 30.004 -4.408 -0.709 2.920 12.750 3.440  
30.781 2 AA_DG2DG3:DC6DC7_AA A 2 ? A 7 ? A 3 ? A 6 ? 
1 A DG 3 1_555 A DC 6 7_555 A DC 4 1_555 A DG 5 7_555 0.264  -1.468 3.357 0.286  1.750 37.769 -2.494 -0.370 3.290 2.702  -0.442 
37.809 3 AA_DG3DC4:DG5DC6_AA A 3 ? A 6 ? A 4 ? A 5 ? 
1 A DC 4 1_555 A DG 5 7_555 A DG 5 1_555 A DC 4 7_555 0.000  -2.174 2.793 0.000  3.744 20.808 -7.169 0.000  2.369 10.258 0.000  
21.139 4 AA_DC4DG5:DC4DG5_AA A 4 ? A 5 ? A 5 ? A 4 ? 
1 A DG 5 1_555 A DC 4 7_555 A DC 6 1_555 A DG 3 7_555 -0.264 -1.468 3.357 -0.286 1.750 37.769 -2.494 0.370  3.290 2.702  0.442  
37.809 5 AA_DG5DC6:DG3DC4_AA A 5 ? A 4 ? A 6 ? A 3 ? 
1 A DC 6 1_555 A DG 3 7_555 A DC 7 1_555 A DG 2 7_555 -0.193 -1.662 3.368 1.811  6.712 30.004 -4.408 0.709  2.920 12.750 -3.440 
30.781 6 AA_DC6DC7:DG2DG3_AA A 6 ? A 3 ? A 7 ? A 2 ? 
1 A DC 7 1_555 A DG 2 7_555 A DC 8 1_555 A DG 1 7_555 -0.385 -1.403 3.335 -2.982 9.778 33.530 -3.756 0.206  2.849 16.479 5.025  
35.010 7 AA_DC7DC8:DG1DG2_AA A 7 ? A 2 ? A 8 ? A 1 ? 
# 
_atom_sites.entry_id                    2D94 
_atom_sites.fract_transf_matrix[1][1]   -0.01180168 
_atom_sites.fract_transf_matrix[1][2]   0.01877077 
_atom_sites.fract_transf_matrix[1][3]   -0.00649767 
_atom_sites.fract_transf_matrix[2][1]   0.00564465 
_atom_sites.fract_transf_matrix[2][2]   0.01041559 
_atom_sites.fract_transf_matrix[2][3]   0.01983670 
_atom_sites.fract_transf_matrix[3][1]   0.03342563 
_atom_sites.fract_transf_matrix[3][2]   0.01499726 
_atom_sites.fract_transf_matrix[3][3]   -0.01738602 
_atom_sites.fract_transf_vector[1]      0.226960 
_atom_sites.fract_transf_vector[2]      0.223623 
_atom_sites.fract_transf_vector[3]      0.104683 
# 
loop_
_atom_type.symbol 
C 
N 
O 
P 
# 
loop_
_atom_site.group_PDB 
_atom_site.id 
_atom_site.type_symbol 
_atom_site.label_atom_id 
_atom_site.label_alt_id 
_atom_site.label_comp_id 
_atom_site.label_asym_id 
_atom_site.label_entity_id 
_atom_site.label_seq_id 
_atom_site.pdbx_PDB_ins_code 
_atom_site.Cartn_x 
_atom_site.Cartn_y 
_atom_site.Cartn_z 
_atom_site.occupancy 
_atom_site.B_iso_or_equiv 
_atom_site.pdbx_formal_charge 
_atom_site.auth_seq_id 
_atom_site.auth_comp_id 
_atom_site.auth_asym_id 
_atom_site.auth_atom_id 
_atom_site.pdbx_PDB_model_num 
ATOM   1   O "O5'" . DG  A 1 1 ? -8.609  -10.269 -6.648  1.00 27.96 ? 1  DG  A "O5'" 1 
ATOM   2   C "C5'" . DG  A 1 1 ? -8.073  -10.829 -7.883  1.00 27.36 ? 1  DG  A "C5'" 1 
ATOM   3   C "C4'" . DG  A 1 1 ? -8.465  -9.845  -8.948  1.00 25.74 ? 1  DG  A "C4'" 1 
ATOM   4   O "O4'" . DG  A 1 1 ? -9.825  -9.363  -8.778  1.00 24.97 ? 1  DG  A "O4'" 1 
ATOM   5   C "C3'" . DG  A 1 1 ? -7.619  -8.587  -8.942  1.00 25.21 ? 1  DG  A "C3'" 1 
ATOM   6   O "O3'" . DG  A 1 1 ? -6.345  -8.998  -9.396  1.00 30.86 ? 1  DG  A "O3'" 1 
ATOM   7   C "C2'" . DG  A 1 1 ? -8.453  -7.696  -9.823  1.00 24.84 ? 1  DG  A "C2'" 1 
ATOM   8   C "C1'" . DG  A 1 1 ? -9.797  -7.983  -9.214  1.00 22.82 ? 1  DG  A "C1'" 1 
ATOM   9   N N9    . DG  A 1 1 ? -10.038 -7.137  -8.052  1.00 21.46 ? 1  DG  A N9    1 
ATOM   10  C C8    . DG  A 1 1 ? -10.125 -7.551  -6.751  1.00 21.37 ? 1  DG  A C8    1 
ATOM   11  N N7    . DG  A 1 1 ? -10.392 -6.562  -5.934  1.00 22.14 ? 1  DG  A N7    1 
ATOM   12  C C5    . DG  A 1 1 ? -10.451 -5.437  -6.735  1.00 20.45 ? 1  DG  A C5    1 
ATOM   13  C C6    . DG  A 1 1 ? -10.720 -4.106  -6.385  1.00 21.79 ? 1  DG  A C6    1 
ATOM   14  O O6    . DG  A 1 1 ? -10.965 -3.631  -5.279  1.00 22.66 ? 1  DG  A O6    1 
ATOM   15  N N1    . DG  A 1 1 ? -10.727 -3.255  -7.499  1.00 20.29 ? 1  DG  A N1    1 
ATOM   16  C C2    . DG  A 1 1 ? -10.547 -3.715  -8.786  1.00 20.84 ? 1  DG  A C2    1 
ATOM   17  N N2    . DG  A 1 1 ? -10.568 -2.755  -9.749  1.00 21.74 ? 1  DG  A N2    1 
ATOM   18  N N3    . DG  A 1 1 ? -10.308 -4.968  -9.149  1.00 20.55 ? 1  DG  A N3    1 
ATOM   19  C C4    . DG  A 1 1 ? -10.239 -5.772  -8.041  1.00 21.59 ? 1  DG  A C4    1 
ATOM   20  P P     . DG  A 1 2 ? -4.904  -8.279  -9.105  1.00 32.38 ? 2  DG  A P     1 
ATOM   21  O OP1   . DG  A 1 2 ? -3.994  -9.085  -9.949  1.00 34.05 ? 2  DG  A OP1   1 
ATOM   22  O OP2   . DG  A 1 2 ? -4.728  -8.600  -7.645  1.00 32.09 ? 2  DG  A OP2   1 
ATOM   23  O "O5'" . DG  A 1 2 ? -5.162  -6.806  -9.492  1.00 29.41 ? 2  DG  A "O5'" 1 
ATOM   24  C "C5'" . DG  A 1 2 ? -5.066  -6.449  -10.852 1.00 27.98 ? 2  DG  A "C5'" 1 
ATOM   25  C "C4'" . DG  A 1 2 ? -5.383  -5.004  -11.026 1.00 28.53 ? 2  DG  A "C4'" 1 
ATOM   26  O "O4'" . DG  A 1 2 ? -6.697  -4.681  -10.569 1.00 27.02 ? 2  DG  A "O4'" 1 
ATOM   27  C "C3'" . DG  A 1 2 ? -4.461  -4.067  -10.207 1.00 30.48 ? 2  DG  A "C3'" 1 
ATOM   28  O "O3'" . DG  A 1 2 ? -3.169  -4.131  -10.768 1.00 33.93 ? 2  DG  A "O3'" 1 
ATOM   29  C "C2'" . DG  A 1 2 ? -5.250  -2.774  -10.319 1.00 28.66 ? 2  DG  A "C2'" 1 
ATOM   30  C "C1'" . DG  A 1 2 ? -6.612  -3.364  -10.040 1.00 25.50 ? 2  DG  A "C1'" 1 
ATOM   31  N N9    . DG  A 1 2 ? -6.846  -3.508  -8.602  1.00 22.24 ? 2  DG  A N9    1 
ATOM   32  C C8    . DG  A 1 2 ? -6.796  -4.620  -7.826  1.00 22.16 ? 2  DG  A C8    1 
ATOM   33  N N7    . DG  A 1 2 ? -7.180  -4.385  -6.590  1.00 24.19 ? 2  DG  A N7    1 
ATOM   34  C C5    . DG  A 1 2 ? -7.490  -3.012  -6.582  1.00 24.25 ? 2  DG  A C5    1 
ATOM   35  C C6    . DG  A 1 2 ? -7.964  -2.175  -5.536  1.00 22.00 ? 2  DG  A C6    1 
ATOM   36  O O6    . DG  A 1 2 ? -8.139  -2.451  -4.368  1.00 20.69 ? 2  DG  A O6    1 
ATOM   37  N N1    . DG  A 1 2 ? -8.139  -0.858  -5.956  1.00 20.82 ? 2  DG  A N1    1 
ATOM   38  C C2    . DG  A 1 2 ? -7.885  -0.429  -7.241  1.00 22.18 ? 2  DG  A C2    1 
ATOM   39  N N2    . DG  A 1 2 ? -8.160  0.868   -7.471  1.00 21.79 ? 2  DG  A N2    1 
ATOM   40  N N3    . DG  A 1 2 ? -7.486  -1.193  -8.250  1.00 21.08 ? 2  DG  A N3    1 
ATOM   41  C C4    . DG  A 1 2 ? -7.303  -2.466  -7.840  1.00 22.58 ? 2  DG  A C4    1 
ATOM   42  P P     . DG  A 1 3 ? -1.913  -3.365  -10.010 1.00 37.11 ? 3  DG  A P     1 
ATOM   43  O OP1   . DG  A 1 3 ? -0.929  -3.302  -11.181 1.00 39.44 ? 3  DG  A OP1   1 
ATOM   44  O OP2   . DG  A 1 3 ? -1.843  -4.267  -8.831  1.00 37.30 ? 3  DG  A OP2   1 
ATOM   45  O "O5'" . DG  A 1 3 ? -2.233  -1.910  -9.715  1.00 35.72 ? 3  DG  A "O5'" 1 
ATOM   46  C "C5'" . DG  A 1 3 ? -1.859  -0.760  -10.536 1.00 34.44 ? 3  DG  A "C5'" 1 
ATOM   47  C "C4'" . DG  A 1 3 ? -2.594  0.350   -9.812  1.00 33.28 ? 3  DG  A "C4'" 1 
ATOM   48  O "O4'" . DG  A 1 3 ? -3.862  -0.106  -9.226  1.00 31.53 ? 3  DG  A "O4'" 1 
ATOM   49  C "C3'" . DG  A 1 3 ? -1.830  0.952   -8.646  1.00 32.59 ? 3  DG  A "C3'" 1 
ATOM   50  O "O3'" . DG  A 1 3 ? -0.802  1.810   -9.077  1.00 32.06 ? 3  DG  A "O3'" 1 
ATOM   51  C "C2'" . DG  A 1 3 ? -2.920  1.694   -7.893  1.00 31.37 ? 3  DG  A "C2'" 1 
ATOM   52  C "C1'" . DG  A 1 3 ? -4.112  0.791   -8.134  1.00 28.90 ? 3  DG  A "C1'" 1 
ATOM   53  N N9    . DG  A 1 3 ? -4.325  0.032   -6.909  1.00 25.84 ? 3  DG  A N9    1 
ATOM   54  C C8    . DG  A 1 3 ? -4.089  -1.295  -6.708  1.00 24.41 ? 3  DG  A C8    1 
ATOM   55  N N7    . DG  A 1 3 ? -4.425  -1.675  -5.490  1.00 24.68 ? 3  DG  A N7    1 
ATOM   56  C C5    . DG  A 1 3 ? -4.837  -0.533  -4.853  1.00 23.12 ? 3  DG  A C5    1 
ATOM   57  C C6    . DG  A 1 3 ? -5.250  -0.338  -3.528  1.00 21.88 ? 3  DG  A C6    1 
ATOM   58  O O6    . DG  A 1 3 ? -5.307  -1.167  -2.617  1.00 23.64 ? 3  DG  A O6    1 
ATOM   59  N N1    . DG  A 1 3 ? -5.578  0.965   -3.306  1.00 19.70 ? 3  DG  A N1    1 
ATOM   60  C C2    . DG  A 1 3 ? -5.473  2.003   -4.194  1.00 21.12 ? 3  DG  A C2    1 
ATOM   61  N N2    . DG  A 1 3 ? -5.827  3.195   -3.736  1.00 18.45 ? 3  DG  A N2    1 
ATOM   62  N N3    . DG  A 1 3 ? -5.034  1.865   -5.436  1.00 23.54 ? 3  DG  A N3    1 
ATOM   63  C C4    . DG  A 1 3 ? -4.716  0.567   -5.686  1.00 24.54 ? 3  DG  A C4    1 
ATOM   64  P P     . DC  A 1 4 ? 0.402   2.044   -8.020  1.00 34.53 ? 4  DC  A P     1 
ATOM   65  O OP1   . DC  A 1 4 ? 1.254   3.058   -8.855  1.00 34.14 ? 4  DC  A OP1   1 
ATOM   66  O OP2   . DC  A 1 4 ? 0.798   0.723   -7.586  1.00 30.93 ? 4  DC  A OP2   1 
ATOM   67  O "O5'" . DC  A 1 4 ? -0.136  3.056   -6.936  1.00 28.66 ? 4  DC  A "O5'" 1 
ATOM   68  C "C5'" . DC  A 1 4 ? -0.530  4.394   -7.295  1.00 27.93 ? 4  DC  A "C5'" 1 
ATOM   69  C "C4'" . DC  A 1 4 ? -0.942  4.959   -5.961  1.00 26.89 ? 4  DC  A "C4'" 1 
ATOM   70  O "O4'" . DC  A 1 4 ? -2.043  4.201   -5.488  1.00 27.79 ? 4  DC  A "O4'" 1 
ATOM   71  C "C3'" . DC  A 1 4 ? 0.083   4.838   -4.864  1.00 28.13 ? 4  DC  A "C3'" 1 
ATOM   72  O "O3'" . DC  A 1 4 ? 1.097   5.862   -4.994  1.00 31.92 ? 4  DC  A "O3'" 1 
ATOM   73  C "C2'" . DC  A 1 4 ? -0.771  4.966   -3.635  1.00 26.25 ? 4  DC  A "C2'" 1 
ATOM   74  C "C1'" . DC  A 1 4 ? -2.013  4.170   -4.048  1.00 24.56 ? 4  DC  A "C1'" 1 
ATOM   75  N N1    . DC  A 1 4 ? -2.028  2.765   -3.568  1.00 22.48 ? 4  DC  A N1    1 
ATOM   76  C C2    . DC  A 1 4 ? -2.469  2.565   -2.253  1.00 20.53 ? 4  DC  A C2    1 
ATOM   77  O O2    . DC  A 1 4 ? -2.834  3.591   -1.645  1.00 19.52 ? 4  DC  A O2    1 
ATOM   78  N N3    . DC  A 1 4 ? -2.433  1.293   -1.763  1.00 17.75 ? 4  DC  A N3    1 
ATOM   79  C C4    . DC  A 1 4 ? -2.059  0.280   -2.506  1.00 16.65 ? 4  DC  A C4    1 
ATOM   80  N N4    . DC  A 1 4 ? -2.104  -0.942  -1.983  1.00 19.18 ? 4  DC  A N4    1 
ATOM   81  C C5    . DC  A 1 4 ? -1.549  0.460   -3.835  1.00 20.08 ? 4  DC  A C5    1 
ATOM   82  C C6    . DC  A 1 4 ? -1.560  1.718   -4.336  1.00 20.41 ? 4  DC  A C6    1 
ATOM   83  P P     . DG  A 1 5 ? 2.422   5.764   -4.145  1.00 31.34 ? 5  DG  A P     1 
ATOM   84  O OP1   . DG  A 1 5 ? 3.151   7.048   -4.452  1.00 34.74 ? 5  DG  A OP1   1 
ATOM   85  O OP2   . DG  A 1 5 ? 3.183   4.542   -4.164  1.00 32.14 ? 5  DG  A OP2   1 
ATOM   86  O "O5'" . DG  A 1 5 ? 1.902   6.334   -2.659  1.00 30.11 ? 5  DG  A "O5'" 1 
ATOM   87  C "C5'" . DG  A 1 5 ? 2.572   5.806   -1.493  1.00 27.44 ? 5  DG  A "C5'" 1 
ATOM   88  C "C4'" . DG  A 1 5 ? 1.612   6.147   -0.365  1.00 25.22 ? 5  DG  A "C4'" 1 
ATOM   89  O "O4'" . DG  A 1 5 ? 0.433   5.399   -0.570  1.00 24.44 ? 5  DG  A "O4'" 1 
ATOM   90  C "C3'" . DG  A 1 5 ? 2.051   5.756   1.015   1.00 25.59 ? 5  DG  A "C3'" 1 
ATOM   91  O "O3'" . DG  A 1 5 ? 2.767   6.807   1.661   1.00 29.26 ? 5  DG  A "O3'" 1 
ATOM   92  C "C2'" . DG  A 1 5 ? 0.770   5.501   1.760   1.00 23.59 ? 5  DG  A "C2'" 1 
ATOM   93  C "C1'" . DG  A 1 5 ? -0.059  4.873   0.683   1.00 21.66 ? 5  DG  A "C1'" 1 
ATOM   94  N N9    . DG  A 1 5 ? 0.026   3.387   0.698   1.00 19.02 ? 5  DG  A N9    1 
ATOM   95  C C8    . DG  A 1 5 ? 0.528   2.584   -0.273  1.00 17.65 ? 5  DG  A C8    1 
ATOM   96  N N7    . DG  A 1 5 ? 0.382   1.294   -0.038  1.00 18.82 ? 5  DG  A N7    1 
ATOM   97  C C5    . DG  A 1 5 ? -0.198  1.248   1.220   1.00 17.21 ? 5  DG  A C5    1 
ATOM   98  C C6    . DG  A 1 5 ? -0.593  0.134   1.983   1.00 17.30 ? 5  DG  A C6    1 
ATOM   99  O O6    . DG  A 1 5 ? -0.429  -1.070  1.731   1.00 17.61 ? 5  DG  A O6    1 
ATOM   100 N N1    . DG  A 1 5 ? -1.202  0.511   3.208   1.00 15.08 ? 5  DG  A N1    1 
ATOM   101 C C2    . DG  A 1 5 ? -1.433  1.794   3.547   1.00 15.46 ? 5  DG  A C2    1 
ATOM   102 N N2    . DG  A 1 5 ? -1.954  2.007   4.738   1.00 16.10 ? 5  DG  A N2    1 
ATOM   103 N N3    . DG  A 1 5 ? -1.080  2.885   2.844   1.00 17.67 ? 5  DG  A N3    1 
ATOM   104 C C4    . DG  A 1 5 ? -0.440  2.520   1.684   1.00 17.54 ? 5  DG  A C4    1 
ATOM   105 P P     . DC  A 1 6 ? 4.092   6.503   2.513   1.00 28.53 ? 6  DC  A P     1 
ATOM   106 O OP1   . DC  A 1 6 ? 4.721   7.935   2.524   1.00 32.10 ? 6  DC  A OP1   1 
ATOM   107 O OP2   . DC  A 1 6 ? 4.859   5.554   1.764   1.00 29.32 ? 6  DC  A OP2   1 
ATOM   108 O "O5'" . DC  A 1 6 ? 3.544   6.270   3.945   1.00 24.49 ? 6  DC  A "O5'" 1 
ATOM   109 C "C5'" . DC  A 1 6 ? 2.795   7.201   4.718   1.00 22.97 ? 6  DC  A "C5'" 1 
ATOM   110 C "C4'" . DC  A 1 6 ? 2.216   6.288   5.795   1.00 22.96 ? 6  DC  A "C4'" 1 
ATOM   111 O "O4'" . DC  A 1 6 ? 1.342   5.310   5.186   1.00 23.82 ? 6  DC  A "O4'" 1 
ATOM   112 C "C3'" . DC  A 1 6 ? 3.182   5.427   6.583   1.00 24.97 ? 6  DC  A "C3'" 1 
ATOM   113 O "O3'" . DC  A 1 6 ? 3.896   6.149   7.618   1.00 28.93 ? 6  DC  A "O3'" 1 
ATOM   114 C "C2'" . DC  A 1 6 ? 2.258   4.369   7.144   1.00 22.35 ? 6  DC  A "C2'" 1 
ATOM   115 C "C1'" . DC  A 1 6 ? 1.302   4.122   5.999   1.00 20.96 ? 6  DC  A "C1'" 1 
ATOM   116 N N1    . DC  A 1 6 ? 1.645   2.970   5.155   1.00 18.69 ? 6  DC  A N1    1 
ATOM   117 C C2    . DC  A 1 6 ? 1.389   1.672   5.626   1.00 19.92 ? 6  DC  A C2    1 
ATOM   118 O O2    . DC  A 1 6 ? 0.839   1.557   6.741   1.00 22.00 ? 6  DC  A O2    1 
ATOM   119 N N3    . DC  A 1 6 ? 1.697   0.595   4.880   1.00 17.45 ? 6  DC  A N3    1 
ATOM   120 C C4    . DC  A 1 6 ? 2.269   0.772   3.692   1.00 18.41 ? 6  DC  A C4    1 
ATOM   121 N N4    . DC  A 1 6 ? 2.527   -0.312  2.967   1.00 17.02 ? 6  DC  A N4    1 
ATOM   122 C C5    . DC  A 1 6 ? 2.623   2.067   3.203   1.00 18.35 ? 6  DC  A C5    1 
ATOM   123 C C6    . DC  A 1 6 ? 2.281   3.119   3.952   1.00 19.48 ? 6  DC  A C6    1 
ATOM   124 P P     . DC  A 1 7 ? 5.404   5.694   8.058   1.00 29.18 ? 7  DC  A P     1 
ATOM   125 O OP1   . DC  A 1 7 ? 5.793   6.903   8.831   1.00 32.32 ? 7  DC  A OP1   1 
ATOM   126 O OP2   . DC  A 1 7 ? 6.063   5.297   6.855   1.00 31.21 ? 7  DC  A OP2   1 
ATOM   127 O "O5'" . DC  A 1 7 ? 5.065   4.379   8.987   1.00 29.59 ? 7  DC  A "O5'" 1 
ATOM   128 C "C5'" . DC  A 1 7 ? 4.251   4.564   10.170  1.00 28.40 ? 7  DC  A "C5'" 1 
ATOM   129 C "C4'" . DC  A 1 7 ? 3.990   3.202   10.788  1.00 27.21 ? 7  DC  A "C4'" 1 
ATOM   130 O "O4'" . DC  A 1 7 ? 3.300   2.390   9.833   1.00 27.72 ? 7  DC  A "O4'" 1 
ATOM   131 C "C3'" . DC  A 1 7 ? 5.200   2.371   11.127  1.00 26.97 ? 7  DC  A "C3'" 1 
ATOM   132 O "O3'" . DC  A 1 7 ? 5.693   2.839   12.369  1.00 29.81 ? 7  DC  A "O3'" 1 
ATOM   133 C "C2'" . DC  A 1 7 ? 4.662   0.954   11.137  1.00 25.99 ? 7  DC  A "C2'" 1 
ATOM   134 C "C1'" . DC  A 1 7 ? 3.661   0.994   10.024  1.00 25.80 ? 7  DC  A "C1'" 1 
ATOM   135 N N1    . DC  A 1 7 ? 4.112   0.547   8.694   1.00 26.77 ? 7  DC  A N1    1 
ATOM   136 C C2    . DC  A 1 7 ? 4.018   -0.853  8.438   1.00 25.63 ? 7  DC  A C2    1 
ATOM   137 O O2    . DC  A 1 7 ? 3.634   -1.539  9.401   1.00 24.47 ? 7  DC  A O2    1 
ATOM   138 N N3    . DC  A 1 7 ? 4.347   -1.326  7.212   1.00 24.17 ? 7  DC  A N3    1 
ATOM   139 C C4    . DC  A 1 7 ? 4.732   -0.496  6.248   1.00 25.29 ? 7  DC  A C4    1 
ATOM   140 N N4    . DC  A 1 7 ? 5.056   -1.040  5.044   1.00 24.67 ? 7  DC  A N4    1 
ATOM   141 C C5    . DC  A 1 7 ? 4.832   0.909   6.495   1.00 25.59 ? 7  DC  A C5    1 
ATOM   142 C C6    . DC  A 1 7 ? 4.508   1.416   7.701   1.00 25.43 ? 7  DC  A C6    1 
ATOM   143 P P     . DC  A 1 8 ? 7.176   2.378   12.774  1.00 31.49 ? 8  DC  A P     1 
ATOM   144 O OP1   . DC  A 1 8 ? 7.218   3.119   14.117  1.00 32.22 ? 8  DC  A OP1   1 
ATOM   145 O OP2   . DC  A 1 8 ? 8.092   2.954   11.697  1.00 32.75 ? 8  DC  A OP2   1 
ATOM   146 O "O5'" . DC  A 1 8 ? 7.449   0.800   12.910  1.00 31.63 ? 8  DC  A "O5'" 1 
ATOM   147 C "C5'" . DC  A 1 8 ? 6.741   0.116   13.985  1.00 33.79 ? 8  DC  A "C5'" 1 
ATOM   148 C "C4'" . DC  A 1 8 ? 7.052   -1.335  13.711  1.00 34.45 ? 8  DC  A "C4'" 1 
ATOM   149 O "O4'" . DC  A 1 8 ? 6.432   -1.750  12.512  1.00 34.90 ? 8  DC  A "O4'" 1 
ATOM   150 C "C3'" . DC  A 1 8 ? 8.534   -1.588  13.502  1.00 35.57 ? 8  DC  A "C3'" 1 
ATOM   151 O "O3'" . DC  A 1 8 ? 9.192   -1.982  14.741  1.00 41.01 ? 8  DC  A "O3'" 1 
ATOM   152 C "C2'" . DC  A 1 8 ? 8.651   -2.691  12.505  1.00 31.73 ? 8  DC  A "C2'" 1 
ATOM   153 C "C1'" . DC  A 1 8 ? 7.293   -2.711  11.849  1.00 30.89 ? 8  DC  A "C1'" 1 
ATOM   154 N N1    . DC  A 1 8 ? 7.465   -2.424  10.414  1.00 26.83 ? 8  DC  A N1    1 
ATOM   155 C C2    . DC  A 1 8 ? 7.563   -3.516  9.528   1.00 25.57 ? 8  DC  A C2    1 
ATOM   156 O O2    . DC  A 1 8 ? 7.535   -4.693  9.947   1.00 26.10 ? 8  DC  A O2    1 
ATOM   157 N N3    . DC  A 1 8 ? 7.707   -3.281  8.219   1.00 23.85 ? 8  DC  A N3    1 
ATOM   158 C C4    . DC  A 1 8 ? 7.743   -2.030  7.754   1.00 24.47 ? 8  DC  A C4    1 
ATOM   159 N N4    . DC  A 1 8 ? 7.897   -1.841  6.437   1.00 21.13 ? 8  DC  A N4    1 
ATOM   160 C C5    . DC  A 1 8 ? 7.658   -0.938  8.662   1.00 24.24 ? 8  DC  A C5    1 
ATOM   161 C C6    . DC  A 1 8 ? 7.476   -1.146  9.962   1.00 25.36 ? 8  DC  A C6    1 
HETATM 162 O O     . HOH B 2 . ? -4.444  4.770   3.840   1.36 33.82 ? 9  HOH A O     1 
HETATM 163 O O     . HOH B 2 . ? -2.215  5.176   3.980   1.36 33.82 ? 10 HOH A O     1 
HETATM 164 O O     . HOH B 2 . ? 4.409   2.448   0.166   1.06 59.18 ? 11 HOH A O     1 
HETATM 165 O O     . HOH B 2 . ? 4.409   2.448   0.166   1.06 59.18 ? 12 HOH A O     1 
HETATM 166 O O     . HOH B 2 . ? -10.633 -7.017  -3.207  0.90 31.66 ? 13 HOH A O     1 
HETATM 167 O O     . HOH B 2 . ? -10.633 -7.017  -3.207  0.90 31.66 ? 14 HOH A O     1 
HETATM 168 O O     . HOH B 2 . ? 7.848   2.961   7.437   1.26 42.78 ? 15 HOH A O     1 
HETATM 169 O O     . HOH B 2 . ? 7.848   2.961   7.437   1.26 42.78 ? 16 HOH A O     1 
HETATM 170 O O     . HOH B 2 . ? -8.156  -0.740  -10.953 0.90 44.21 ? 17 HOH A O     1 
HETATM 171 O O     . HOH B 2 . ? -8.156  -0.740  -10.953 0.90 44.21 ? 18 HOH A O     1 
HETATM 172 O O     . HOH B 2 . ? -6.274  6.303   5.234   1.01 44.44 ? 19 HOH A O     1 
HETATM 173 O O     . HOH B 2 . ? -1.245  7.722   4.450   1.01 44.44 ? 20 HOH A O     1 
HETATM 174 O O     . HOH B 2 . ? 8.296   0.836   5.563   0.60 24.68 ? 21 HOH A O     1 
HETATM 175 O O     . HOH B 2 . ? 8.296   0.836   5.563   0.60 24.68 ? 22 HOH A O     1 
HETATM 176 O O     . HOH B 2 . ? 1.650   -0.487  -1.808  0.81 34.18 ? 23 HOH A O     1 
HETATM 177 O O     . HOH B 2 . ? 1.650   -0.487  -1.808  0.81 34.18 ? 24 HOH A O     1 
HETATM 178 O O     . HOH B 2 . ? -10.346 -3.933  -2.745  0.62 31.47 ? 25 HOH A O     1 
HETATM 179 O O     . HOH B 2 . ? -10.346 -3.933  -2.745  0.62 31.47 ? 26 HOH A O     1 
HETATM 180 O O     . HOH B 2 . ? 6.168   1.052   3.342   1.04 43.80 ? 27 HOH A O     1 
HETATM 181 O O     . HOH B 2 . ? 6.168   1.052   3.342   1.04 43.80 ? 28 HOH A O     1 
HETATM 182 O O     . HOH B 2 . ? -5.090  -2.349  -13.245 0.93 50.11 ? 29 HOH A O     1 
HETATM 183 O O     . HOH B 2 . ? 3.410   -11.307 10.278  0.93 50.11 ? 30 HOH A O     1 
HETATM 184 O O     . HOH B 2 . ? -6.270  -9.640  -5.909  1.05 66.15 ? 31 HOH A O     1 
HETATM 185 O O     . HOH B 2 . ? -6.270  -9.640  -5.909  1.05 66.15 ? 32 HOH A O     1 
HETATM 186 O O     . HOH B 2 . ? -8.487  3.866   -8.192  1.13 48.43 ? 33 HOH A O     1 
HETATM 187 O O     . HOH B 2 . ? 3.696   -2.776  11.964  1.13 48.43 ? 34 HOH A O     1 
HETATM 188 O O     . HOH B 2 . ? 8.803   2.637   9.397   0.96 50.04 ? 35 HOH A O     1 
HETATM 189 O O     . HOH B 2 . ? 8.803   2.637   9.397   0.96 50.04 ? 36 HOH A O     1 
HETATM 190 O O     . HOH B 2 . ? 3.897   -0.204  0.867   1.33 53.14 ? 37 HOH A O     1 
HETATM 191 O O     . HOH B 2 . ? 3.897   -0.204  0.867   1.33 53.14 ? 38 HOH A O     1 
HETATM 192 O O     . HOH B 2 . ? -0.302  -13.042 -11.769 0.70 76.93 ? 39 HOH A O     1 
HETATM 193 O O     . HOH B 2 . ? 4.547   10.867  3.797   0.70 76.93 ? 40 HOH A O     1 
HETATM 194 O O     . HOH B 2 . ? 5.976   3.865   4.122   1.32 48.91 ? 41 HOH A O     1 
HETATM 195 O O     . HOH B 2 . ? 5.976   3.865   4.122   1.32 48.91 ? 42 HOH A O     1 
HETATM 196 O O     . HOH B 2 . ? -4.148  -5.495  -6.855  0.92 70.11 ? 43 HOH A O     1 
HETATM 197 O O     . HOH B 2 . ? -4.148  -5.495  -6.855  0.92 70.11 ? 44 HOH A O     1 
HETATM 198 O O     . HOH B 2 . ? 13.638  -2.387  14.421  0.80 29.62 ? 45 HOH A O     1 
HETATM 199 O O     . HOH B 2 . ? 6.900   -6.912  11.943  0.80 29.62 ? 46 HOH A O     1 
HETATM 200 O O     . HOH B 2 . ? -6.245  -0.320  -12.842 0.73 48.21 ? 47 HOH A O     1 
HETATM 201 O O     . HOH B 2 . ? 3.739   -9.416  11.667  0.73 48.21 ? 48 HOH A O     1 
HETATM 202 O O     . HOH B 2 . ? -7.055  7.762   3.300   1.06 65.24 ? 49 HOH A O     1 
HETATM 203 O O     . HOH B 2 . ? -0.713  7.444   6.925   1.06 65.24 ? 50 HOH A O     1 
HETATM 204 O O     . HOH B 2 . ? 10.516  4.465   7.567   1.36 63.22 ? 51 HOH A O     1 
HETATM 205 O O     . HOH B 2 . ? 10.516  4.465   7.567   1.36 63.22 ? 52 HOH A O     1 
HETATM 206 O O     . HOH B 2 . ? -2.537  -8.373  -12.396 0.91 63.37 ? 53 HOH A O     1 
HETATM 207 O O     . HOH B 2 . ? -2.537  -8.373  -12.396 0.91 63.37 ? 54 HOH A O     1 
HETATM 208 O O     . HOH B 2 . ? -1.731  -11.106 -12.184 0.78 73.87 ? 55 HOH A O     1 
HETATM 209 O O     . HOH B 2 . ? 3.636   9.808   1.795   0.78 73.87 ? 56 HOH A O     1 
HETATM 210 O O     . HOH B 2 . ? 11.045  5.382   9.657   0.95 56.21 ? 57 HOH A O     1 
HETATM 211 O O     . HOH B 2 . ? 11.045  5.382   9.657   0.95 56.21 ? 58 HOH A O     1 
HETATM 212 O O     . HOH B 2 . ? 3.891   1.621   -2.359  0.87 62.33 ? 59 HOH A O     1 
HETATM 213 O O     . HOH B 2 . ? 3.891   1.621   -2.359  0.87 62.33 ? 60 HOH A O     1 
HETATM 214 O O     . HOH B 2 . ? 7.007   -6.097  14.055  1.06 45.13 ? 61 HOH A O     1 
HETATM 215 O O     . HOH B 2 . ? 12.082  -0.791  14.010  1.06 45.13 ? 62 HOH A O     1 
HETATM 216 O O     . HOH B 2 . ? -6.648  -6.231  -4.869  0.66 45.77 ? 63 HOH A O     1 
HETATM 217 O O     . HOH B 2 . ? -6.648  -6.231  -4.869  0.66 45.77 ? 64 HOH A O     1 
HETATM 218 O O     . HOH B 2 . ? 0.598   -2.358  -0.007  0.93 37.02 ? 65 HOH A O     1 
HETATM 219 O O     . HOH B 2 . ? -3.907  -3.572  0.571   0.93 37.02 ? 66 HOH A O     1 
HETATM 220 O O     . HOH B 2 . ? 8.218   5.768   10.949  1.00 58.04 ? 67 HOH A O     1 
HETATM 221 O O     . HOH B 2 . ? 8.218   5.768   10.949  1.00 58.04 ? 68 HOH A O     1 
HETATM 222 O O     . HOH B 2 . ? 4.531   8.923   9.218   1.07 66.34 ? 69 HOH A O     1 
HETATM 223 O O     . HOH B 2 . ? 4.531   8.923   9.218   1.07 66.34 ? 70 HOH A O     1 
HETATM 224 O O     . HOH B 2 . ? 5.452   5.214   -0.787  0.84 76.10 ? 71 HOH A O     1 
HETATM 225 O O     . HOH B 2 . ? 5.452   5.214   -0.787  0.84 76.10 ? 72 HOH A O     1 
HETATM 226 O O     . HOH B 2 . ? 6.090   6.982   -4.160  0.80 59.53 ? 73 HOH A O     1 
HETATM 227 O O     . HOH B 2 . ? 6.090   6.982   -4.160  0.80 59.53 ? 74 HOH A O     1 
HETATM 228 O O     . HOH B 2 . ? 1.548   -5.260  1.548   1.55 81.12 ? 75 HOH A O     1 
HETATM 229 O O     . HOH B 2 . ? -4.052  -4.486  -2.728  1.55 81.12 ? 76 HOH A O     1 
HETATM 230 O O     . HOH B 2 . ? -6.381  -4.122  -3.003  0.84 64.12 ? 77 HOH A O     1 
HETATM 231 O O     . HOH B 2 . ? 3.631   -4.459  2.356   0.84 64.12 ? 78 HOH A O     1 
HETATM 232 O O     . HOH B 2 . ? 8.588   6.063   6.556   1.25 77.28 ? 79 HOH A O     1 
HETATM 233 O O     . HOH B 2 . ? 8.588   6.063   6.556   1.25 77.28 ? 80 HOH A O     1 
HETATM 234 O O     . HOH B 2 . ? 9.477   7.581   12.467  1.03 81.17 ? 81 HOH A O     1 
HETATM 235 O O     . HOH B 2 . ? 9.477   7.581   12.467  1.03 81.17 ? 82 HOH A O     1 
HETATM 236 O O     . HOH B 2 . ? 6.966   8.303   5.448   1.17 59.66 ? 83 HOH A O     1 
HETATM 237 O O     . HOH B 2 . ? 6.966   8.303   5.448   1.17 59.66 ? 84 HOH A O     1 
HETATM 238 O O     . HOH B 2 . ? 1.695   2.034   -3.750  1.17 67.45 ? 85 HOH A O     1 
HETATM 239 O O     . HOH B 2 . ? 1.695   2.034   -3.750  1.17 67.45 ? 86 HOH A O     1 
HETATM 240 O O     . HOH B 2 . ? -6.554  -9.281  -3.572  1.12 85.49 ? 87 HOH A O     1 
HETATM 241 O O     . HOH B 2 . ? -6.554  -9.281  -3.572  1.12 85.49 ? 88 HOH A O     1 
HETATM 242 O O     . HOH B 2 . ? -1.469  -5.767  -6.965  0.78 78.36 ? 89 HOH A O     1 
HETATM 243 O O     . HOH B 2 . ? -1.469  -5.767  -6.965  0.78 78.36 ? 90 HOH A O     1 
HETATM 244 O O     . HOH B 2 . ? 8.134   8.748   8.446   1.13 65.13 ? 91 HOH A O     1 
HETATM 245 O O     . HOH B 2 . ? 8.134   8.748   8.446   1.13 65.13 ? 92 HOH A O     1 
HETATM 246 O O     . HOH B 2 . ? -12.440 -6.013  -0.800  0.61 50.56 ? 93 HOH A O     1 
HETATM 247 O O     . HOH B 2 . ? -12.440 -6.013  -0.800  0.61 50.55 ? 94 HOH A O     1 
HETATM 248 O O     . HOH B 2 . ? -3.796  -11.715 -10.116 0.95 47.84 ? 95 HOH A O     1 
HETATM 249 O O     . HOH B 2 . ? -3.796  -11.715 -10.116 0.95 47.84 ? 96 HOH A O     1 
# 
